data_8XYI
#
_entry.id   8XYI
#
_cell.length_a   1.00
_cell.length_b   1.00
_cell.length_c   1.00
_cell.angle_alpha   90.00
_cell.angle_beta   90.00
_cell.angle_gamma   90.00
#
_symmetry.space_group_name_H-M   'P 1'
#
loop_
_entity.id
_entity.type
_entity.pdbx_description
1 polymer 'C-X-C chemokine receptor type 3'
2 non-polymer (3~{S})-~{N}-[(2~{S})-6-azanyl-1-(2,2-diphenylethylamino)-1-oxidanylidene-hexan-2-yl]-2-(4-oxidanylidene-4-phenyl-butanoyl)-3,4-dihydro-1~{H}-isoquinoline-3-carboxamide
#
_entity_poly.entity_id   1
_entity_poly.type   'polypeptide(L)'
_entity_poly.pdbx_seq_one_letter_code
;MGKTIIALSYIFCLVFADYKDDDDAANFTPVNGSSGNQSVRLVTSSSLEVLFQGPGSVLEVSDHQVLNDAEVAALLENFS
SSYDYGENESDSCCTSPPCPQDFSLNFDRAFLPALYSLLFLLGLLGNGAVAAVLLSRRTALSSTDTFLLHLAVADTLLVL
TLPLWAVDAAVQWVFGSGLCKVAGALFNINFYAGALLLACISFDRYLNIVHATQLYRRGPPARVTLTCLAVWGLCLLFAL
PDFIFLSAHHDERLNATHCQYNFPQVGRTALRVLQLVAGFLLPLLVMAYCYAHILAVLLVSRGQRRLRAMRLVVVVVVAF
ALCWTPYHLVVLVDILMDLGALARNCGRESRVDVAKSVTSGLGYMHCCLNPLLYAFVGVKFRERMWMLLLRLGCPNQRGL
QRQPSSSRRDSSWSETSEASYSGL
;
_entity_poly.pdbx_strand_id   R
#
# COMPACT_ATOMS: atom_id res chain seq x y z
N ASP A 102 -30.09 -3.30 -5.29
CA ASP A 102 -29.27 -4.53 -5.35
C ASP A 102 -28.20 -4.43 -6.43
N PHE A 103 -28.18 -3.31 -7.16
CA PHE A 103 -27.24 -3.14 -8.26
C PHE A 103 -25.80 -3.21 -7.75
N SER A 104 -25.51 -2.50 -6.65
CA SER A 104 -24.15 -2.49 -6.13
C SER A 104 -23.71 -3.88 -5.70
N LEU A 105 -24.60 -4.63 -5.06
CA LEU A 105 -24.24 -5.96 -4.58
C LEU A 105 -23.92 -6.89 -5.75
N ASN A 106 -24.77 -6.87 -6.79
CA ASN A 106 -24.52 -7.72 -7.95
C ASN A 106 -23.23 -7.31 -8.66
N PHE A 107 -22.98 -6.01 -8.77
CA PHE A 107 -21.75 -5.54 -9.39
C PHE A 107 -20.54 -6.05 -8.62
N ASP A 108 -20.59 -5.97 -7.30
CA ASP A 108 -19.51 -6.51 -6.48
C ASP A 108 -19.35 -8.00 -6.74
N ARG A 109 -20.46 -8.74 -6.74
CA ARG A 109 -20.40 -10.18 -6.92
C ARG A 109 -19.72 -10.55 -8.23
N ALA A 110 -20.08 -9.88 -9.33
CA ALA A 110 -19.63 -10.26 -10.66
C ALA A 110 -18.30 -9.61 -11.04
N PHE A 111 -17.71 -8.82 -10.14
CA PHE A 111 -16.50 -8.07 -10.47
C PHE A 111 -15.35 -8.25 -9.49
N LEU A 112 -15.60 -8.51 -8.21
CA LEU A 112 -14.54 -8.60 -7.22
C LEU A 112 -13.80 -9.93 -7.27
N PRO A 113 -14.49 -11.06 -7.42
CA PRO A 113 -13.79 -12.34 -7.43
C PRO A 113 -12.63 -12.41 -8.41
N ALA A 114 -12.92 -12.17 -9.70
CA ALA A 114 -11.89 -12.30 -10.72
C ALA A 114 -10.77 -11.30 -10.53
N LEU A 115 -11.12 -10.04 -10.22
CA LEU A 115 -10.09 -9.02 -10.04
C LEU A 115 -9.16 -9.39 -8.90
N TYR A 116 -9.73 -9.81 -7.77
CA TYR A 116 -8.88 -10.18 -6.63
C TYR A 116 -8.09 -11.44 -6.91
N SER A 117 -8.63 -12.36 -7.69
CA SER A 117 -7.87 -13.56 -8.07
C SER A 117 -6.64 -13.19 -8.89
N LEU A 118 -6.84 -12.34 -9.91
CA LEU A 118 -5.71 -11.92 -10.73
C LEU A 118 -4.69 -11.13 -9.91
N LEU A 119 -5.17 -10.26 -9.03
CA LEU A 119 -4.26 -9.51 -8.16
C LEU A 119 -3.45 -10.47 -7.30
N PHE A 120 -4.11 -11.47 -6.72
CA PHE A 120 -3.41 -12.45 -5.90
C PHE A 120 -2.32 -13.17 -6.70
N LEU A 121 -2.67 -13.71 -7.87
CA LEU A 121 -1.67 -14.42 -8.66
C LEU A 121 -0.49 -13.51 -9.01
N LEU A 122 -0.78 -12.34 -9.57
CA LEU A 122 0.30 -11.46 -10.02
C LEU A 122 1.13 -10.92 -8.87
N GLY A 123 0.53 -10.58 -7.73
CA GLY A 123 1.28 -10.12 -6.59
C GLY A 123 2.15 -11.20 -5.99
N LEU A 124 1.62 -12.42 -5.84
CA LEU A 124 2.43 -13.52 -5.37
C LEU A 124 3.58 -13.84 -6.32
N LEU A 125 3.39 -13.68 -7.63
CA LEU A 125 4.46 -13.96 -8.57
C LEU A 125 5.47 -12.82 -8.69
N GLY A 126 5.08 -11.58 -8.39
CA GLY A 126 6.01 -10.47 -8.49
C GLY A 126 6.73 -10.14 -7.19
N ASN A 127 5.96 -9.90 -6.12
CA ASN A 127 6.59 -9.55 -4.86
C ASN A 127 7.35 -10.74 -4.28
N GLY A 128 6.84 -11.95 -4.46
CA GLY A 128 7.59 -13.12 -4.05
C GLY A 128 8.92 -13.23 -4.79
N ALA A 129 8.90 -12.95 -6.10
CA ALA A 129 10.13 -12.96 -6.86
C ALA A 129 11.11 -11.91 -6.36
N VAL A 130 10.61 -10.71 -6.05
CA VAL A 130 11.49 -9.66 -5.52
C VAL A 130 12.11 -10.12 -4.20
N ALA A 131 11.27 -10.67 -3.31
CA ALA A 131 11.76 -11.11 -2.01
C ALA A 131 12.82 -12.20 -2.16
N ALA A 132 12.57 -13.16 -3.05
CA ALA A 132 13.53 -14.24 -3.25
C ALA A 132 14.83 -13.71 -3.82
N VAL A 133 14.74 -12.82 -4.81
CA VAL A 133 15.94 -12.26 -5.43
C VAL A 133 16.77 -11.54 -4.38
N LEU A 134 16.12 -10.81 -3.48
CA LEU A 134 16.86 -10.06 -2.48
C LEU A 134 17.44 -10.98 -1.41
N LEU A 135 16.67 -11.97 -0.96
CA LEU A 135 17.11 -12.86 0.10
C LEU A 135 18.17 -13.85 -0.40
N SER A 136 18.34 -13.95 -1.72
CA SER A 136 19.38 -14.79 -2.27
C SER A 136 20.77 -14.19 -2.14
N ARG A 137 20.88 -12.99 -1.58
CA ARG A 137 22.13 -12.26 -1.52
C ARG A 137 22.97 -12.74 -0.35
N ARG A 138 24.19 -13.20 -0.63
CA ARG A 138 25.09 -13.60 0.44
C ARG A 138 25.67 -12.39 1.17
N THR A 139 26.09 -11.37 0.42
CA THR A 139 26.73 -10.22 1.03
C THR A 139 25.67 -9.29 1.61
N ALA A 140 26.09 -8.11 2.07
CA ALA A 140 25.19 -7.18 2.72
C ALA A 140 24.19 -6.63 1.71
N LEU A 141 23.21 -5.89 2.23
CA LEU A 141 22.18 -5.26 1.41
C LEU A 141 22.15 -3.77 1.73
N SER A 142 22.04 -2.96 0.69
CA SER A 142 22.04 -1.51 0.86
C SER A 142 20.74 -1.06 1.52
N SER A 143 20.66 0.24 1.82
CA SER A 143 19.50 0.77 2.53
C SER A 143 18.22 0.58 1.72
N THR A 144 18.24 1.05 0.47
CA THR A 144 17.04 0.91 -0.36
C THR A 144 16.72 -0.54 -0.64
N ASP A 145 17.73 -1.41 -0.68
CA ASP A 145 17.46 -2.83 -0.84
C ASP A 145 16.67 -3.38 0.34
N THR A 146 17.06 -3.01 1.56
CA THR A 146 16.34 -3.47 2.73
C THR A 146 14.92 -2.91 2.75
N PHE A 147 14.76 -1.64 2.43
CA PHE A 147 13.41 -1.08 2.39
C PHE A 147 12.55 -1.77 1.33
N LEU A 148 13.12 -2.07 0.18
CA LEU A 148 12.38 -2.80 -0.85
C LEU A 148 12.01 -4.20 -0.37
N LEU A 149 12.91 -4.86 0.35
CA LEU A 149 12.60 -6.17 0.90
C LEU A 149 11.37 -6.10 1.81
N HIS A 150 11.37 -5.15 2.73
CA HIS A 150 10.25 -5.03 3.66
C HIS A 150 8.96 -4.65 2.91
N LEU A 151 9.08 -3.78 1.91
CA LEU A 151 7.91 -3.43 1.11
C LEU A 151 7.36 -4.65 0.38
N ALA A 152 8.24 -5.50 -0.15
CA ALA A 152 7.81 -6.71 -0.82
C ALA A 152 7.07 -7.63 0.13
N VAL A 153 7.60 -7.78 1.35
CA VAL A 153 6.92 -8.62 2.34
C VAL A 153 5.53 -8.07 2.63
N ALA A 154 5.44 -6.75 2.83
CA ALA A 154 4.15 -6.13 3.15
C ALA A 154 3.16 -6.35 2.03
N ASP A 155 3.57 -6.11 0.78
CA ASP A 155 2.67 -6.31 -0.35
C ASP A 155 2.26 -7.78 -0.45
N THR A 156 3.19 -8.70 -0.21
CA THR A 156 2.85 -10.11 -0.27
C THR A 156 1.75 -10.45 0.73
N LEU A 157 1.89 -9.97 1.97
CA LEU A 157 0.85 -10.26 2.95
C LEU A 157 -0.48 -9.63 2.56
N LEU A 158 -0.44 -8.37 2.09
CA LEU A 158 -1.68 -7.68 1.75
C LEU A 158 -2.42 -8.40 0.63
N VAL A 159 -1.70 -8.86 -0.39
CA VAL A 159 -2.35 -9.60 -1.46
C VAL A 159 -2.77 -10.97 -0.98
N LEU A 160 -2.02 -11.56 -0.05
CA LEU A 160 -2.38 -12.88 0.47
C LEU A 160 -3.75 -12.84 1.13
N THR A 161 -4.04 -11.78 1.87
CA THR A 161 -5.35 -11.70 2.52
C THR A 161 -6.50 -11.41 1.55
N LEU A 162 -6.22 -11.16 0.27
CA LEU A 162 -7.28 -10.74 -0.65
C LEU A 162 -8.35 -11.80 -0.86
N PRO A 163 -8.03 -13.06 -1.14
CA PRO A 163 -9.09 -14.02 -1.49
C PRO A 163 -10.14 -14.19 -0.42
N LEU A 164 -9.78 -14.08 0.86
CA LEU A 164 -10.79 -14.11 1.91
C LEU A 164 -11.78 -12.97 1.73
N TRP A 165 -11.28 -11.77 1.42
CA TRP A 165 -12.17 -10.65 1.18
C TRP A 165 -12.99 -10.84 -0.09
N ALA A 166 -12.44 -11.49 -1.11
CA ALA A 166 -13.23 -11.81 -2.28
C ALA A 166 -14.40 -12.73 -1.93
N VAL A 167 -14.13 -13.75 -1.10
CA VAL A 167 -15.21 -14.63 -0.64
C VAL A 167 -16.24 -13.82 0.14
N ASP A 168 -15.77 -12.91 0.99
CA ASP A 168 -16.66 -12.05 1.75
C ASP A 168 -17.59 -11.27 0.82
N ALA A 169 -17.02 -10.68 -0.22
CA ALA A 169 -17.84 -9.93 -1.17
C ALA A 169 -18.83 -10.84 -1.89
N ALA A 170 -18.39 -12.06 -2.21
CA ALA A 170 -19.23 -12.94 -2.99
C ALA A 170 -20.47 -13.37 -2.22
N VAL A 171 -20.29 -14.07 -1.11
CA VAL A 171 -21.42 -14.67 -0.39
C VAL A 171 -21.51 -14.11 1.03
N GLN A 172 -20.53 -14.41 1.86
CA GLN A 172 -20.55 -13.99 3.26
C GLN A 172 -19.28 -14.49 3.95
N TRP A 173 -19.00 -13.90 5.10
CA TRP A 173 -17.95 -14.41 5.97
C TRP A 173 -18.39 -15.73 6.58
N VAL A 174 -17.56 -16.75 6.43
CA VAL A 174 -17.87 -18.08 6.96
C VAL A 174 -16.70 -18.66 7.75
N PHE A 175 -15.81 -17.80 8.26
CA PHE A 175 -14.69 -18.26 9.05
C PHE A 175 -14.75 -17.83 10.51
N GLY A 176 -15.85 -17.20 10.93
CA GLY A 176 -15.98 -16.74 12.30
C GLY A 176 -15.35 -15.38 12.51
N SER A 177 -15.48 -14.89 13.74
CA SER A 177 -14.96 -13.56 14.08
C SER A 177 -13.44 -13.57 14.24
N GLY A 178 -12.87 -14.69 14.68
CA GLY A 178 -11.43 -14.72 14.90
C GLY A 178 -10.66 -14.42 13.65
N LEU A 179 -11.02 -15.08 12.54
CA LEU A 179 -10.32 -14.81 11.28
C LEU A 179 -10.67 -13.43 10.75
N CYS A 180 -11.86 -12.92 11.06
CA CYS A 180 -12.20 -11.54 10.75
C CYS A 180 -11.16 -10.59 11.36
N LYS A 181 -10.93 -10.74 12.66
CA LYS A 181 -9.97 -9.87 13.35
C LYS A 181 -8.56 -10.06 12.79
N VAL A 182 -8.16 -11.31 12.57
CA VAL A 182 -6.79 -11.57 12.10
C VAL A 182 -6.58 -10.95 10.73
N ALA A 183 -7.52 -11.16 9.81
CA ALA A 183 -7.39 -10.63 8.47
C ALA A 183 -7.40 -9.10 8.48
N GLY A 184 -8.28 -8.50 9.28
CA GLY A 184 -8.30 -7.04 9.33
C GLY A 184 -7.00 -6.47 9.85
N ALA A 185 -6.47 -7.07 10.91
CA ALA A 185 -5.21 -6.61 11.46
C ALA A 185 -4.10 -6.71 10.42
N LEU A 186 -4.02 -7.86 9.74
CA LEU A 186 -3.00 -8.04 8.72
C LEU A 186 -3.13 -6.97 7.64
N PHE A 187 -4.34 -6.74 7.17
CA PHE A 187 -4.60 -5.78 6.11
C PHE A 187 -4.13 -4.39 6.50
N ASN A 188 -4.57 -3.90 7.65
CA ASN A 188 -4.23 -2.53 8.03
C ASN A 188 -2.75 -2.40 8.32
N ILE A 189 -2.17 -3.36 9.04
CA ILE A 189 -0.74 -3.30 9.33
C ILE A 189 0.04 -3.20 8.04
N ASN A 190 -0.28 -4.05 7.06
CA ASN A 190 0.50 -4.08 5.83
C ASN A 190 0.27 -2.83 4.99
N PHE A 191 -0.95 -2.29 4.99
CA PHE A 191 -1.20 -1.06 4.23
C PHE A 191 -0.38 0.10 4.78
N TYR A 192 -0.43 0.29 6.10
CA TYR A 192 0.35 1.38 6.70
C TYR A 192 1.84 1.15 6.50
N ALA A 193 2.29 -0.10 6.63
CA ALA A 193 3.69 -0.40 6.42
C ALA A 193 4.11 -0.06 5.00
N GLY A 194 3.27 -0.38 4.01
CA GLY A 194 3.60 -0.04 2.64
C GLY A 194 3.73 1.45 2.43
N ALA A 195 2.77 2.21 2.94
CA ALA A 195 2.83 3.66 2.78
C ALA A 195 4.10 4.23 3.42
N LEU A 196 4.34 3.88 4.68
CA LEU A 196 5.50 4.43 5.38
C LEU A 196 6.80 3.95 4.76
N LEU A 197 6.81 2.76 4.17
CA LEU A 197 8.03 2.26 3.54
C LEU A 197 8.30 2.98 2.23
N LEU A 198 7.25 3.33 1.48
CA LEU A 198 7.47 4.18 0.32
C LEU A 198 8.02 5.54 0.73
N ALA A 199 7.48 6.11 1.81
CA ALA A 199 8.01 7.38 2.29
C ALA A 199 9.47 7.25 2.70
N CYS A 200 9.82 6.16 3.37
CA CYS A 200 11.20 5.95 3.80
C CYS A 200 12.13 5.77 2.60
N ILE A 201 11.66 5.07 1.57
CA ILE A 201 12.47 4.91 0.35
C ILE A 201 12.73 6.27 -0.26
N SER A 202 11.69 7.11 -0.35
CA SER A 202 11.88 8.45 -0.91
C SER A 202 12.88 9.25 -0.09
N PHE A 203 12.78 9.17 1.24
CA PHE A 203 13.71 9.91 2.08
C PHE A 203 15.14 9.41 1.92
N ASP A 204 15.32 8.10 1.81
CA ASP A 204 16.67 7.57 1.58
C ASP A 204 17.23 8.04 0.26
N ARG A 205 16.41 8.05 -0.79
CA ARG A 205 16.88 8.55 -2.07
C ARG A 205 17.27 10.02 -1.97
N TYR A 206 16.45 10.82 -1.29
CA TYR A 206 16.77 12.23 -1.11
C TYR A 206 18.07 12.42 -0.35
N LEU A 207 18.27 11.65 0.72
CA LEU A 207 19.51 11.76 1.48
C LEU A 207 20.71 11.37 0.64
N ASN A 208 20.60 10.31 -0.17
CA ASN A 208 21.75 9.84 -0.93
C ASN A 208 22.08 10.75 -2.11
N ILE A 209 21.08 11.35 -2.74
CA ILE A 209 21.34 12.16 -3.93
C ILE A 209 21.55 13.63 -3.60
N VAL A 210 20.70 14.23 -2.75
CA VAL A 210 20.82 15.66 -2.46
C VAL A 210 21.98 15.94 -1.53
N HIS A 211 21.98 15.32 -0.34
CA HIS A 211 23.08 15.48 0.62
C HIS A 211 24.10 14.39 0.35
N ALA A 212 24.60 14.36 -0.89
CA ALA A 212 25.50 13.31 -1.32
C ALA A 212 26.88 13.41 -0.74
N THR A 213 27.35 14.61 -0.43
CA THR A 213 28.71 14.82 0.05
C THR A 213 28.81 14.81 1.58
N GLN A 214 27.67 14.80 2.29
CA GLN A 214 27.68 14.75 3.73
C GLN A 214 27.36 13.39 4.31
N LEU A 215 26.93 12.42 3.50
CA LEU A 215 26.67 11.07 3.95
C LEU A 215 27.61 10.06 3.32
N TYR A 216 28.68 10.52 2.67
CA TYR A 216 29.58 9.62 1.95
C TYR A 216 30.13 8.54 2.88
N ARG A 217 30.18 7.31 2.39
CA ARG A 217 30.73 6.19 3.12
C ARG A 217 31.56 5.34 2.17
N ARG A 218 32.70 4.85 2.66
CA ARG A 218 33.66 4.10 1.84
C ARG A 218 33.20 2.63 1.81
N GLY A 219 32.06 2.39 1.20
CA GLY A 219 31.54 1.05 1.02
C GLY A 219 31.36 0.24 2.29
N PRO A 220 30.77 0.82 3.34
CA PRO A 220 30.31 0.01 4.45
C PRO A 220 28.84 -0.31 4.30
N PRO A 221 28.31 -1.23 5.09
CA PRO A 221 26.86 -1.40 5.14
C PRO A 221 26.21 -0.42 6.10
N ALA A 222 25.46 0.55 5.58
CA ALA A 222 24.78 1.51 6.43
C ALA A 222 23.48 0.91 6.96
N ARG A 223 23.56 0.16 8.04
CA ARG A 223 22.40 -0.58 8.53
C ARG A 223 21.27 0.39 8.86
N VAL A 224 20.07 0.06 8.39
CA VAL A 224 18.89 0.91 8.55
C VAL A 224 17.75 0.16 9.24
N THR A 225 18.07 -0.93 9.94
CA THR A 225 17.02 -1.73 10.57
C THR A 225 16.27 -0.96 11.64
N LEU A 226 16.86 0.09 12.21
CA LEU A 226 16.18 0.87 13.23
C LEU A 226 14.88 1.46 12.68
N THR A 227 14.95 2.07 11.49
CA THR A 227 13.77 2.68 10.93
C THR A 227 12.74 1.63 10.51
N CYS A 228 13.18 0.47 10.04
CA CYS A 228 12.23 -0.59 9.71
C CYS A 228 11.47 -1.06 10.95
N LEU A 229 12.19 -1.26 12.06
CA LEU A 229 11.50 -1.64 13.30
C LEU A 229 10.56 -0.54 13.76
N ALA A 230 10.98 0.72 13.63
CA ALA A 230 10.09 1.82 14.00
C ALA A 230 8.82 1.81 13.17
N VAL A 231 8.97 1.60 11.86
CA VAL A 231 7.82 1.56 10.96
C VAL A 231 6.86 0.45 11.37
N TRP A 232 7.40 -0.75 11.60
CA TRP A 232 6.53 -1.87 11.92
C TRP A 232 5.84 -1.67 13.27
N GLY A 233 6.56 -1.15 14.26
CA GLY A 233 5.94 -0.88 15.55
C GLY A 233 4.83 0.15 15.43
N LEU A 234 5.08 1.21 14.67
CA LEU A 234 4.05 2.23 14.49
C LEU A 234 2.83 1.66 13.77
N CYS A 235 3.06 0.78 12.79
CA CYS A 235 1.94 0.14 12.11
C CYS A 235 1.12 -0.72 13.06
N LEU A 236 1.78 -1.48 13.93
CA LEU A 236 1.05 -2.26 14.93
C LEU A 236 0.24 -1.34 15.84
N LEU A 237 0.84 -0.22 16.26
CA LEU A 237 0.14 0.72 17.11
C LEU A 237 -1.12 1.25 16.42
N PHE A 238 -1.01 1.58 15.13
CA PHE A 238 -2.16 2.06 14.38
C PHE A 238 -3.21 0.98 14.17
N ALA A 239 -2.80 -0.28 14.03
CA ALA A 239 -3.74 -1.36 13.78
C ALA A 239 -4.42 -1.88 15.03
N LEU A 240 -3.90 -1.54 16.22
CA LEU A 240 -4.55 -1.94 17.46
C LEU A 240 -6.07 -1.88 17.43
N PRO A 241 -6.71 -0.78 16.98
CA PRO A 241 -8.18 -0.76 16.99
C PRO A 241 -8.81 -1.90 16.20
N ASP A 242 -8.17 -2.35 15.13
CA ASP A 242 -8.67 -3.52 14.42
C ASP A 242 -8.65 -4.74 15.31
N PHE A 243 -7.55 -4.95 16.03
CA PHE A 243 -7.49 -6.05 16.98
C PHE A 243 -8.62 -5.93 18.01
N ILE A 244 -8.98 -4.71 18.38
CA ILE A 244 -9.95 -4.51 19.45
C ILE A 244 -11.37 -4.78 18.96
N PHE A 245 -11.78 -4.10 17.89
CA PHE A 245 -13.20 -3.96 17.59
C PHE A 245 -13.70 -4.91 16.51
N LEU A 246 -12.89 -5.23 15.50
CA LEU A 246 -13.39 -5.94 14.34
C LEU A 246 -14.10 -7.24 14.73
N SER A 247 -15.28 -7.45 14.15
CA SER A 247 -16.11 -8.61 14.47
C SER A 247 -16.85 -9.00 13.20
N ALA A 248 -17.74 -9.98 13.31
CA ALA A 248 -18.52 -10.48 12.17
C ALA A 248 -20.00 -10.39 12.54
N HIS A 249 -20.60 -9.24 12.28
CA HIS A 249 -22.01 -9.04 12.59
C HIS A 249 -22.90 -9.84 11.65
N HIS A 250 -24.05 -10.24 12.15
CA HIS A 250 -25.06 -10.97 11.38
C HIS A 250 -26.20 -10.00 11.07
N ASP A 251 -26.10 -9.34 9.92
CA ASP A 251 -27.10 -8.35 9.52
C ASP A 251 -28.49 -8.96 9.46
N GLU A 252 -29.46 -8.23 10.03
CA GLU A 252 -30.86 -8.61 9.95
C GLU A 252 -31.57 -7.96 8.78
N ARG A 253 -30.89 -7.07 8.05
CA ARG A 253 -31.45 -6.40 6.89
C ARG A 253 -31.15 -7.13 5.59
N LEU A 254 -29.96 -7.72 5.48
CA LEU A 254 -29.57 -8.48 4.31
C LEU A 254 -29.41 -9.97 4.59
N ASN A 255 -29.46 -10.38 5.86
CA ASN A 255 -29.24 -11.77 6.26
C ASN A 255 -27.85 -12.25 5.86
N ALA A 256 -26.91 -11.32 5.72
CA ALA A 256 -25.54 -11.65 5.34
C ALA A 256 -24.66 -11.67 6.59
N THR A 257 -23.36 -11.88 6.40
CA THR A 257 -22.43 -11.93 7.52
C THR A 257 -21.04 -11.51 7.05
N HIS A 258 -20.63 -10.29 7.37
CA HIS A 258 -19.42 -9.70 6.84
C HIS A 258 -18.49 -9.25 7.96
N CYS A 259 -17.26 -8.91 7.58
CA CYS A 259 -16.22 -8.45 8.49
C CYS A 259 -16.30 -6.95 8.58
N GLN A 260 -16.95 -6.43 9.61
CA GLN A 260 -17.16 -4.99 9.77
C GLN A 260 -16.85 -4.57 11.20
N TYR A 261 -16.53 -3.28 11.35
CA TYR A 261 -16.28 -2.69 12.66
C TYR A 261 -17.61 -2.46 13.37
N ASN A 262 -17.58 -2.52 14.70
CA ASN A 262 -18.70 -2.09 15.54
C ASN A 262 -18.37 -0.81 16.29
N PHE A 263 -17.45 -0.01 15.76
CA PHE A 263 -17.09 1.30 16.32
C PHE A 263 -18.32 2.16 16.53
N PRO A 264 -18.24 3.17 17.41
CA PRO A 264 -19.20 4.28 17.34
C PRO A 264 -18.94 5.13 16.11
N GLN A 265 -19.96 5.90 15.72
CA GLN A 265 -19.85 6.70 14.50
C GLN A 265 -18.66 7.63 14.56
N VAL A 266 -18.47 8.30 15.69
CA VAL A 266 -17.30 9.16 15.87
C VAL A 266 -16.03 8.37 15.67
N GLY A 267 -16.01 7.13 16.16
CA GLY A 267 -14.86 6.28 15.95
C GLY A 267 -14.61 5.98 14.49
N ARG A 268 -15.67 5.71 13.73
CA ARG A 268 -15.52 5.45 12.31
C ARG A 268 -14.92 6.66 11.61
N THR A 269 -15.45 7.85 11.90
CA THR A 269 -14.90 9.06 11.29
C THR A 269 -13.45 9.28 11.68
N ALA A 270 -13.11 9.05 12.96
CA ALA A 270 -11.74 9.24 13.41
C ALA A 270 -10.79 8.28 12.71
N LEU A 271 -11.19 7.01 12.57
CA LEU A 271 -10.35 6.07 11.86
C LEU A 271 -10.18 6.45 10.40
N ARG A 272 -11.24 6.95 9.76
CA ARG A 272 -11.12 7.39 8.37
C ARG A 272 -10.14 8.56 8.27
N VAL A 273 -10.22 9.51 9.20
CA VAL A 273 -9.31 10.65 9.20
C VAL A 273 -7.87 10.20 9.41
N LEU A 274 -7.64 9.26 10.34
CA LEU A 274 -6.29 8.75 10.52
C LEU A 274 -5.79 8.04 9.26
N GLN A 275 -6.64 7.25 8.63
CA GLN A 275 -6.26 6.63 7.36
C GLN A 275 -5.79 7.69 6.38
N LEU A 276 -6.61 8.73 6.19
CA LEU A 276 -6.28 9.77 5.23
C LEU A 276 -4.96 10.45 5.59
N VAL A 277 -4.79 10.80 6.85
CA VAL A 277 -3.63 11.61 7.25
C VAL A 277 -2.34 10.79 7.19
N ALA A 278 -2.34 9.60 7.76
CA ALA A 278 -1.12 8.82 7.90
C ALA A 278 -0.79 7.96 6.69
N GLY A 279 -1.80 7.55 5.92
CA GLY A 279 -1.56 6.69 4.78
C GLY A 279 -1.38 7.45 3.48
N PHE A 280 -2.01 8.61 3.36
CA PHE A 280 -1.97 9.35 2.11
C PHE A 280 -1.25 10.69 2.23
N LEU A 281 -1.72 11.57 3.12
CA LEU A 281 -1.22 12.94 3.12
C LEU A 281 0.25 13.00 3.52
N LEU A 282 0.61 12.37 4.65
CA LEU A 282 2.00 12.45 5.09
C LEU A 282 2.94 11.74 4.11
N PRO A 283 2.68 10.50 3.68
CA PRO A 283 3.56 9.90 2.67
C PRO A 283 3.62 10.73 1.40
N LEU A 284 2.48 11.27 0.95
CA LEU A 284 2.49 12.02 -0.29
C LEU A 284 3.34 13.28 -0.17
N LEU A 285 3.23 13.98 0.96
CA LEU A 285 4.02 15.20 1.15
C LEU A 285 5.51 14.88 1.24
N VAL A 286 5.87 13.83 1.97
CA VAL A 286 7.27 13.47 2.07
C VAL A 286 7.82 13.09 0.70
N MET A 287 7.07 12.28 -0.05
CA MET A 287 7.49 11.89 -1.39
C MET A 287 7.64 13.10 -2.28
N ALA A 288 6.68 14.01 -2.23
CA ALA A 288 6.72 15.19 -3.08
C ALA A 288 7.95 16.03 -2.79
N TYR A 289 8.18 16.34 -1.51
CA TYR A 289 9.36 17.11 -1.13
C TYR A 289 10.63 16.44 -1.62
N CYS A 290 10.80 15.16 -1.27
CA CYS A 290 12.05 14.47 -1.57
C CYS A 290 12.30 14.39 -3.06
N TYR A 291 11.26 14.05 -3.84
CA TYR A 291 11.47 13.86 -5.27
C TYR A 291 11.57 15.19 -6.01
N ALA A 292 10.90 16.23 -5.52
CA ALA A 292 11.11 17.56 -6.11
C ALA A 292 12.54 18.01 -5.91
N HIS A 293 13.11 17.77 -4.72
CA HIS A 293 14.50 18.13 -4.51
C HIS A 293 15.45 17.25 -5.33
N ILE A 294 15.10 15.97 -5.50
CA ILE A 294 15.92 15.12 -6.35
C ILE A 294 15.93 15.65 -7.78
N LEU A 295 14.77 16.03 -8.29
CA LEU A 295 14.73 16.61 -9.64
C LEU A 295 15.53 17.91 -9.70
N ALA A 296 15.41 18.75 -8.69
CA ALA A 296 16.14 20.02 -8.69
C ALA A 296 17.63 19.77 -8.74
N VAL A 297 18.11 18.74 -8.04
CA VAL A 297 19.53 18.41 -8.08
C VAL A 297 19.92 17.81 -9.42
N LEU A 298 19.07 16.97 -10.00
CA LEU A 298 19.42 16.25 -11.22
C LEU A 298 19.42 17.15 -12.44
N LEU A 299 18.52 18.14 -12.50
CA LEU A 299 18.52 19.06 -13.64
C LEU A 299 19.82 19.83 -13.75
N VAL A 300 20.54 20.03 -12.65
CA VAL A 300 21.76 20.83 -12.65
C VAL A 300 22.96 19.90 -12.47
N SER A 301 22.76 18.61 -12.73
CA SER A 301 23.87 17.66 -12.67
C SER A 301 24.46 17.46 -14.06
N ARG A 302 25.46 16.60 -14.17
CA ARG A 302 26.16 16.38 -15.44
C ARG A 302 26.30 14.87 -15.64
N GLY A 303 25.60 14.33 -16.61
CA GLY A 303 25.67 12.91 -16.90
C GLY A 303 24.65 12.51 -17.93
N GLN A 304 24.71 11.23 -18.30
CA GLN A 304 23.77 10.64 -19.25
C GLN A 304 22.76 9.73 -18.56
N ARG A 305 22.99 9.38 -17.30
CA ARG A 305 22.06 8.56 -16.53
C ARG A 305 20.98 9.38 -15.84
N ARG A 306 21.11 10.70 -15.82
CA ARG A 306 20.15 11.54 -15.12
C ARG A 306 18.77 11.46 -15.75
N LEU A 307 18.69 11.35 -17.08
CA LEU A 307 17.40 11.39 -17.75
C LEU A 307 16.49 10.27 -17.27
N ARG A 308 16.99 9.04 -17.26
CA ARG A 308 16.18 7.93 -16.79
C ARG A 308 15.78 8.12 -15.33
N ALA A 309 16.68 8.68 -14.52
CA ALA A 309 16.35 8.93 -13.12
C ALA A 309 15.18 9.89 -13.01
N MET A 310 15.22 10.98 -13.78
CA MET A 310 14.14 11.95 -13.75
C MET A 310 12.82 11.31 -14.17
N ARG A 311 12.85 10.57 -15.27
CA ARG A 311 11.62 9.94 -15.76
C ARG A 311 11.08 8.95 -14.73
N LEU A 312 11.96 8.18 -14.10
CA LEU A 312 11.52 7.22 -13.11
C LEU A 312 10.91 7.91 -11.90
N VAL A 313 11.52 9.01 -11.46
CA VAL A 313 10.98 9.74 -10.30
C VAL A 313 9.59 10.24 -10.62
N VAL A 314 9.43 10.86 -11.79
CA VAL A 314 8.12 11.39 -12.16
C VAL A 314 7.10 10.27 -12.25
N VAL A 315 7.49 9.14 -12.85
CA VAL A 315 6.56 8.02 -12.99
C VAL A 315 6.15 7.49 -11.63
N VAL A 316 7.10 7.38 -10.70
CA VAL A 316 6.79 6.86 -9.37
C VAL A 316 5.78 7.76 -8.67
N VAL A 317 6.05 9.06 -8.66
CA VAL A 317 5.16 9.99 -7.98
C VAL A 317 3.78 9.94 -8.61
N VAL A 318 3.73 9.96 -9.95
CA VAL A 318 2.44 9.98 -10.63
C VAL A 318 1.68 8.69 -10.38
N ALA A 319 2.39 7.57 -10.34
CA ALA A 319 1.75 6.28 -10.11
C ALA A 319 1.11 6.27 -8.73
N PHE A 320 1.87 6.67 -7.71
CA PHE A 320 1.30 6.71 -6.37
C PHE A 320 0.05 7.60 -6.33
N ALA A 321 0.18 8.81 -6.85
CA ALA A 321 -0.94 9.75 -6.81
C ALA A 321 -2.16 9.20 -7.53
N LEU A 322 -1.98 8.74 -8.78
CA LEU A 322 -3.11 8.26 -9.57
C LEU A 322 -3.76 7.06 -8.90
N CYS A 323 -2.96 6.15 -8.35
CA CYS A 323 -3.52 4.93 -7.80
C CYS A 323 -4.29 5.21 -6.51
N TRP A 324 -3.80 6.11 -5.67
CA TRP A 324 -4.40 6.25 -4.34
C TRP A 324 -5.37 7.41 -4.21
N THR A 325 -5.20 8.51 -4.94
CA THR A 325 -6.11 9.64 -4.82
C THR A 325 -7.56 9.25 -5.09
N PRO A 326 -7.88 8.43 -6.09
CA PRO A 326 -9.30 8.16 -6.39
C PRO A 326 -10.06 7.56 -5.22
N TYR A 327 -9.40 6.77 -4.39
CA TYR A 327 -10.06 6.18 -3.23
C TYR A 327 -10.18 7.17 -2.08
N HIS A 328 -9.12 7.93 -1.79
CA HIS A 328 -9.16 8.84 -0.66
C HIS A 328 -10.11 10.01 -0.92
N LEU A 329 -10.23 10.44 -2.17
CA LEU A 329 -11.20 11.48 -2.49
C LEU A 329 -12.62 10.98 -2.21
N VAL A 330 -12.92 9.74 -2.59
CA VAL A 330 -14.24 9.19 -2.32
C VAL A 330 -14.45 9.01 -0.83
N VAL A 331 -13.40 8.64 -0.10
CA VAL A 331 -13.51 8.53 1.35
C VAL A 331 -13.83 9.90 1.96
N LEU A 332 -13.20 10.95 1.45
CA LEU A 332 -13.52 12.30 1.90
C LEU A 332 -14.97 12.66 1.59
N VAL A 333 -15.46 12.27 0.42
CA VAL A 333 -16.87 12.50 0.10
C VAL A 333 -17.77 11.79 1.08
N ASP A 334 -17.43 10.54 1.43
CA ASP A 334 -18.22 9.79 2.39
C ASP A 334 -18.19 10.44 3.77
N ILE A 335 -17.02 10.94 4.19
CA ILE A 335 -16.93 11.66 5.46
C ILE A 335 -17.83 12.89 5.41
N LEU A 336 -17.80 13.63 4.31
CA LEU A 336 -18.64 14.81 4.18
C LEU A 336 -20.11 14.45 4.29
N MET A 337 -20.51 13.35 3.65
CA MET A 337 -21.89 12.88 3.78
C MET A 337 -22.22 12.54 5.22
N ASP A 338 -21.34 11.81 5.91
CA ASP A 338 -21.62 11.35 7.27
C ASP A 338 -21.71 12.51 8.26
N LEU A 339 -20.84 13.51 8.11
CA LEU A 339 -20.83 14.64 9.03
C LEU A 339 -21.93 15.65 8.75
N GLY A 340 -22.77 15.41 7.75
CA GLY A 340 -23.89 16.29 7.47
C GLY A 340 -23.65 17.31 6.37
N ALA A 341 -22.55 17.22 5.64
CA ALA A 341 -22.28 18.17 4.57
C ALA A 341 -23.06 17.86 3.30
N LEU A 342 -23.75 16.72 3.24
CA LEU A 342 -24.50 16.33 2.06
C LEU A 342 -25.75 15.58 2.50
N ALA A 343 -26.66 15.38 1.55
CA ALA A 343 -27.94 14.72 1.79
C ALA A 343 -27.86 13.26 1.36
N ARG A 344 -28.35 12.37 2.22
CA ARG A 344 -28.27 10.93 1.94
C ARG A 344 -29.45 10.48 1.08
N ASN A 345 -29.20 9.53 0.20
CA ASN A 345 -30.24 8.88 -0.58
C ASN A 345 -29.72 7.54 -1.07
N CYS A 346 -30.65 6.65 -1.43
CA CYS A 346 -30.28 5.29 -1.83
C CYS A 346 -29.37 5.31 -3.05
N GLY A 347 -29.71 6.11 -4.05
CA GLY A 347 -28.88 6.16 -5.24
C GLY A 347 -27.47 6.61 -4.94
N ARG A 348 -27.33 7.67 -4.13
CA ARG A 348 -26.00 8.12 -3.75
C ARG A 348 -25.27 7.06 -2.95
N GLU A 349 -25.99 6.34 -2.07
CA GLU A 349 -25.35 5.29 -1.29
C GLU A 349 -24.76 4.21 -2.22
N SER A 350 -25.55 3.78 -3.21
CA SER A 350 -25.06 2.78 -4.15
C SER A 350 -23.89 3.30 -4.97
N ARG A 351 -23.97 4.55 -5.42
CA ARG A 351 -22.86 5.13 -6.15
C ARG A 351 -21.60 5.13 -5.31
N VAL A 352 -21.72 5.52 -4.04
CA VAL A 352 -20.56 5.56 -3.16
C VAL A 352 -20.00 4.16 -2.96
N ASP A 353 -20.87 3.18 -2.76
CA ASP A 353 -20.40 1.81 -2.56
C ASP A 353 -19.62 1.31 -3.76
N VAL A 354 -20.19 1.46 -4.96
CA VAL A 354 -19.49 0.96 -6.14
C VAL A 354 -18.20 1.74 -6.38
N ALA A 355 -18.21 3.04 -6.14
CA ALA A 355 -17.00 3.83 -6.32
C ALA A 355 -15.92 3.39 -5.35
N LYS A 356 -16.29 3.11 -4.10
CA LYS A 356 -15.32 2.62 -3.14
C LYS A 356 -14.76 1.28 -3.58
N SER A 357 -15.61 0.38 -4.06
CA SER A 357 -15.13 -0.90 -4.54
C SER A 357 -14.09 -0.73 -5.64
N VAL A 358 -14.44 0.04 -6.67
CA VAL A 358 -13.55 0.19 -7.82
C VAL A 358 -12.26 0.88 -7.42
N THR A 359 -12.36 1.94 -6.61
CA THR A 359 -11.17 2.68 -6.22
C THR A 359 -10.27 1.83 -5.33
N SER A 360 -10.84 1.01 -4.46
CA SER A 360 -10.02 0.10 -3.67
C SER A 360 -9.31 -0.91 -4.54
N GLY A 361 -10.00 -1.44 -5.55
CA GLY A 361 -9.34 -2.34 -6.49
C GLY A 361 -8.16 -1.67 -7.15
N LEU A 362 -8.38 -0.43 -7.61
CA LEU A 362 -7.29 0.32 -8.24
C LEU A 362 -6.15 0.55 -7.26
N GLY A 363 -6.48 0.82 -5.99
CA GLY A 363 -5.45 1.05 -5.00
C GLY A 363 -4.59 -0.16 -4.75
N TYR A 364 -5.21 -1.32 -4.58
CA TYR A 364 -4.42 -2.55 -4.42
C TYR A 364 -3.68 -2.91 -5.69
N MET A 365 -4.13 -2.45 -6.86
CA MET A 365 -3.32 -2.59 -8.05
C MET A 365 -1.96 -1.92 -7.90
N HIS A 366 -1.86 -0.87 -7.07
CA HIS A 366 -0.57 -0.24 -6.84
C HIS A 366 0.38 -1.16 -6.09
N CYS A 367 -0.09 -1.85 -5.05
CA CYS A 367 0.73 -2.84 -4.38
C CYS A 367 1.04 -4.01 -5.30
N CYS A 368 0.19 -4.27 -6.29
CA CYS A 368 0.52 -5.25 -7.31
C CYS A 368 1.66 -4.76 -8.21
N LEU A 369 1.65 -3.46 -8.56
CA LEU A 369 2.64 -2.89 -9.47
C LEU A 369 3.95 -2.50 -8.78
N ASN A 370 4.00 -2.50 -7.45
CA ASN A 370 5.23 -2.09 -6.77
C ASN A 370 6.47 -2.78 -7.33
N PRO A 371 6.48 -4.09 -7.59
CA PRO A 371 7.69 -4.70 -8.16
C PRO A 371 8.11 -4.10 -9.48
N LEU A 372 7.15 -3.69 -10.31
CA LEU A 372 7.46 -3.19 -11.65
C LEU A 372 8.03 -1.78 -11.64
N LEU A 373 7.97 -1.06 -10.53
CA LEU A 373 8.47 0.31 -10.44
C LEU A 373 9.73 0.37 -9.59
N TYR A 374 9.67 -0.13 -8.35
CA TYR A 374 10.78 0.03 -7.43
C TYR A 374 11.83 -1.06 -7.55
N ALA A 375 11.53 -2.19 -8.18
CA ALA A 375 12.42 -3.33 -8.15
C ALA A 375 13.03 -3.66 -9.51
N PHE A 376 12.20 -3.90 -10.51
CA PHE A 376 12.71 -4.43 -11.78
C PHE A 376 13.30 -3.38 -12.69
N VAL A 377 13.12 -2.09 -12.39
CA VAL A 377 13.63 -1.06 -13.30
C VAL A 377 15.10 -0.76 -13.08
N GLY A 378 15.65 -1.09 -11.91
CA GLY A 378 17.04 -0.80 -11.59
C GLY A 378 17.95 -1.88 -12.16
N VAL A 379 19.09 -1.45 -12.71
CA VAL A 379 20.01 -2.39 -13.32
C VAL A 379 20.56 -3.36 -12.28
N LYS A 380 20.77 -2.88 -11.05
CA LYS A 380 21.26 -3.76 -10.00
C LYS A 380 20.32 -4.93 -9.78
N PHE A 381 19.02 -4.65 -9.67
CA PHE A 381 18.07 -5.72 -9.39
C PHE A 381 17.95 -6.67 -10.58
N ARG A 382 18.02 -6.16 -11.81
CA ARG A 382 17.94 -7.06 -12.95
C ARG A 382 19.18 -7.94 -13.05
N GLU A 383 20.35 -7.39 -12.71
CA GLU A 383 21.55 -8.23 -12.66
C GLU A 383 21.43 -9.31 -11.60
N ARG A 384 20.90 -8.96 -10.44
CA ARG A 384 20.70 -9.97 -9.40
C ARG A 384 19.68 -11.02 -9.86
N MET A 385 18.62 -10.59 -10.54
CA MET A 385 17.62 -11.53 -11.04
C MET A 385 18.24 -12.49 -12.02
N TRP A 386 19.06 -11.98 -12.94
CA TRP A 386 19.69 -12.85 -13.92
C TRP A 386 20.61 -13.85 -13.24
N MET A 387 21.41 -13.38 -12.28
CA MET A 387 22.31 -14.30 -11.57
C MET A 387 21.51 -15.38 -10.87
N LEU A 388 20.40 -15.01 -10.23
CA LEU A 388 19.59 -16.01 -9.53
C LEU A 388 18.99 -17.01 -10.50
N LEU A 389 18.42 -16.55 -11.60
CA LEU A 389 17.82 -17.47 -12.56
C LEU A 389 18.87 -18.42 -13.12
N LEU A 390 20.09 -17.94 -13.33
CA LEU A 390 21.15 -18.84 -13.77
C LEU A 390 21.43 -19.91 -12.70
N ARG A 391 21.42 -19.51 -11.44
CA ARG A 391 21.62 -20.45 -10.34
C ARG A 391 20.47 -21.45 -10.27
#